data_5WNM
#
_entry.id   5WNM
#
_cell.length_a   70.820
_cell.length_b   109.612
_cell.length_c   146.090
_cell.angle_alpha   90.00
_cell.angle_beta   90.00
_cell.angle_gamma   90.00
#
_symmetry.space_group_name_H-M   'I 21 21 21'
#
loop_
_entity.id
_entity.type
_entity.pdbx_description
1 polymer 'Receptor-interacting serine/threonine-protein kinase 4'
2 non-polymer 'CHLORIDE ION'
3 non-polymer 'CYCLOPROPANECARBOXYLIC ACID {4-[4-(4-METHYL-PIPERAZIN-1-YL)-6-(5-METHYL-2H-PYRAZOL-3-YLAMINO)-PYRIMIDIN-2-YLSULFANYL]-PHENYL}-AMIDE'
4 water water
#
_entity_poly.entity_id   1
_entity_poly.type   'polypeptide(L)'
_entity_poly.pdbx_seq_one_letter_code
;MEGEGRGRWALGLLRTFDAGEFAGWEKVGSGGFGQVYKVRHVHWKTWLAIKCSPSLHVDDRERMELLEEAKKMEMAKFRY
ILPVYGICQEPVGLVMEYMETGSLEKLLASEPLPWDLRFRIVHETAVGMNFLHCMSPPLLHLNLKPANILLDAHYHVKIS
DFGLAKCNGMSHSHDLSMDGLFGTIAYLPPERIREKSRLFDTKHDVYSFAIVIWGVLTQKKPFADEKNILHIMMKVVKGH
RPELPPICRPRPRACASLIGLMQRCWHADPQVRPTFQEITSETEDLCEKPDEEVKDLAHEPGEKSSLESKSEARPESSRL
KRASAPPFDNDCSLSELLSQLD
;
_entity_poly.pdbx_strand_id   A
#
loop_
_chem_comp.id
_chem_comp.type
_chem_comp.name
_chem_comp.formula
CL non-polymer 'CHLORIDE ION' 'Cl -1'
VX6 non-polymer 'CYCLOPROPANECARBOXYLIC ACID {4-[4-(4-METHYL-PIPERAZIN-1-YL)-6-(5-METHYL-2H-PYRAZOL-3-YLAMINO)-PYRIMIDIN-2-YLSULFANYL]-PHENYL}-AMIDE' 'C23 H28 N8 O S'
#
# COMPACT_ATOMS: atom_id res chain seq x y z
N ALA A 10 -0.89 5.09 -22.95
CA ALA A 10 -0.72 4.36 -21.64
C ALA A 10 -0.42 2.87 -21.83
N LEU A 11 -1.36 2.16 -22.46
CA LEU A 11 -1.23 0.71 -22.73
C LEU A 11 -0.39 0.35 -23.97
N GLY A 12 0.14 1.36 -24.67
CA GLY A 12 0.97 1.15 -25.86
C GLY A 12 2.35 0.62 -25.56
N LEU A 13 3.03 1.21 -24.58
CA LEU A 13 4.37 0.76 -24.18
C LEU A 13 4.44 -0.57 -23.42
N LEU A 14 3.30 -1.07 -22.92
CA LEU A 14 3.27 -2.37 -22.24
C LEU A 14 3.52 -3.52 -23.22
N ARG A 15 4.30 -4.51 -22.81
CA ARG A 15 4.58 -5.69 -23.63
C ARG A 15 3.60 -6.81 -23.30
N THR A 16 3.54 -7.80 -24.19
CA THR A 16 2.83 -9.05 -23.92
C THR A 16 3.89 -10.12 -23.68
N PHE A 17 3.75 -10.89 -22.61
CA PHE A 17 4.70 -11.95 -22.28
C PHE A 17 4.08 -13.34 -22.50
N ASP A 18 4.81 -14.20 -23.20
CA ASP A 18 4.48 -15.61 -23.28
C ASP A 18 5.21 -16.28 -22.12
N ALA A 19 4.61 -17.30 -21.52
CA ALA A 19 5.18 -17.96 -20.33
C ALA A 19 6.51 -18.70 -20.58
N GLY A 20 6.84 -18.97 -21.83
CA GLY A 20 8.14 -19.53 -22.21
C GLY A 20 9.31 -18.59 -21.96
N GLU A 21 9.03 -17.29 -21.92
CA GLU A 21 10.02 -16.28 -21.51
C GLU A 21 10.37 -16.36 -20.01
N PHE A 22 9.48 -16.93 -19.19
CA PHE A 22 9.67 -17.04 -17.74
C PHE A 22 10.14 -18.42 -17.31
N ALA A 23 10.74 -18.47 -16.12
CA ALA A 23 11.28 -19.70 -15.53
C ALA A 23 11.44 -19.57 -14.01
N GLY A 24 11.65 -20.70 -13.34
CA GLY A 24 11.88 -20.74 -11.90
C GLY A 24 10.76 -20.11 -11.07
N TRP A 25 9.52 -20.47 -11.40
CA TRP A 25 8.33 -19.87 -10.79
C TRP A 25 8.32 -20.22 -9.29
N GLU A 26 8.01 -19.23 -8.45
CA GLU A 26 8.24 -19.35 -7.01
C GLU A 26 7.27 -18.46 -6.25
N LYS A 27 6.37 -19.05 -5.46
CA LYS A 27 5.30 -18.30 -4.80
C LYS A 27 5.83 -17.27 -3.79
N VAL A 28 5.17 -16.10 -3.73
CA VAL A 28 5.40 -15.11 -2.67
C VAL A 28 4.11 -14.57 -1.99
N GLY A 29 3.02 -14.41 -2.74
CA GLY A 29 1.76 -13.91 -2.17
C GLY A 29 0.96 -14.90 -1.31
N SER A 30 -0.34 -14.65 -1.18
CA SER A 30 -1.30 -15.53 -0.49
C SER A 30 -0.88 -15.95 0.93
N PHE A 33 -6.92 -13.75 -3.39
CA PHE A 33 -6.38 -12.49 -3.89
C PHE A 33 -5.83 -12.65 -5.31
N GLY A 34 -4.98 -13.67 -5.49
CA GLY A 34 -4.26 -13.92 -6.74
C GLY A 34 -2.81 -14.23 -6.41
N GLN A 35 -2.35 -15.43 -6.76
CA GLN A 35 -0.99 -15.86 -6.42
C GLN A 35 0.06 -15.08 -7.21
N VAL A 36 1.03 -14.53 -6.49
CA VAL A 36 2.12 -13.77 -7.07
C VAL A 36 3.39 -14.62 -7.05
N TYR A 37 4.12 -14.59 -8.17
CA TYR A 37 5.34 -15.37 -8.33
C TYR A 37 6.54 -14.50 -8.69
N LYS A 38 7.67 -14.77 -8.04
CA LYS A 38 8.97 -14.34 -8.52
C LYS A 38 9.31 -15.24 -9.71
N VAL A 39 9.49 -14.63 -10.89
CA VAL A 39 9.89 -15.35 -12.10
C VAL A 39 11.19 -14.76 -12.64
N ARG A 40 12.01 -15.62 -13.23
CA ARG A 40 13.17 -15.18 -13.99
C ARG A 40 12.76 -15.06 -15.45
N HIS A 41 13.03 -13.90 -16.02
CA HIS A 41 12.98 -13.67 -17.46
C HIS A 41 14.33 -14.14 -17.99
N VAL A 42 14.35 -15.22 -18.77
CA VAL A 42 15.63 -15.85 -19.17
C VAL A 42 16.45 -14.99 -20.12
N HIS A 43 15.81 -14.28 -21.04
CA HIS A 43 16.52 -13.43 -22.01
C HIS A 43 17.09 -12.15 -21.36
N TRP A 44 16.33 -11.55 -20.45
CA TRP A 44 16.70 -10.30 -19.79
C TRP A 44 17.61 -10.53 -18.59
N LYS A 45 17.67 -11.77 -18.11
CA LYS A 45 18.55 -12.16 -17.02
C LYS A 45 18.35 -11.32 -15.75
N THR A 46 17.08 -11.11 -15.44
CA THR A 46 16.65 -10.39 -14.26
C THR A 46 15.34 -11.01 -13.81
N TRP A 47 14.91 -10.66 -12.59
CA TRP A 47 13.71 -11.20 -12.00
C TRP A 47 12.55 -10.23 -12.15
N LEU A 48 11.33 -10.78 -12.19
CA LEU A 48 10.10 -10.01 -12.23
C LEU A 48 9.06 -10.66 -11.33
N ALA A 49 7.99 -9.94 -11.07
CA ALA A 49 6.86 -10.44 -10.29
C ALA A 49 5.64 -10.55 -11.20
N ILE A 50 4.94 -11.68 -11.11
CA ILE A 50 3.74 -11.91 -11.92
C ILE A 50 2.57 -12.31 -11.01
N LYS A 51 1.51 -11.50 -11.01
CA LYS A 51 0.27 -11.78 -10.28
C LYS A 51 -0.70 -12.48 -11.23
N CYS A 52 -1.03 -13.74 -10.93
CA CYS A 52 -1.96 -14.54 -11.74
C CYS A 52 -3.40 -14.41 -11.27
N SER A 53 -4.34 -14.83 -12.13
CA SER A 53 -5.77 -14.83 -11.83
C SER A 53 -6.09 -15.88 -10.74
N PRO A 54 -7.02 -15.54 -9.80
CA PRO A 54 -7.37 -16.51 -8.74
C PRO A 54 -8.47 -17.52 -9.12
N SER A 55 -8.99 -17.45 -10.35
CA SER A 55 -10.13 -18.26 -10.79
C SER A 55 -9.71 -19.43 -11.69
N LEU A 56 -10.69 -20.28 -12.03
CA LEU A 56 -10.50 -21.39 -12.98
C LEU A 56 -10.54 -20.90 -14.44
N HIS A 57 -11.55 -20.10 -14.77
CA HIS A 57 -11.69 -19.46 -16.08
C HIS A 57 -11.66 -17.94 -15.95
N VAL A 58 -10.75 -17.30 -16.69
CA VAL A 58 -10.61 -15.84 -16.71
C VAL A 58 -11.39 -15.26 -17.89
N ASP A 59 -12.57 -14.68 -17.59
CA ASP A 59 -13.45 -14.10 -18.63
C ASP A 59 -12.97 -12.70 -19.06
N ASP A 60 -13.74 -12.04 -19.94
CA ASP A 60 -13.39 -10.71 -20.47
C ASP A 60 -13.39 -9.57 -19.43
N ARG A 61 -14.12 -9.74 -18.34
CA ARG A 61 -14.13 -8.75 -17.24
C ARG A 61 -12.77 -8.68 -16.54
N GLU A 62 -12.20 -9.84 -16.21
CA GLU A 62 -10.86 -9.91 -15.60
C GLU A 62 -9.79 -9.33 -16.50
N ARG A 63 -9.73 -9.81 -17.74
CA ARG A 63 -8.75 -9.35 -18.74
C ARG A 63 -8.73 -7.81 -18.87
N MET A 64 -9.92 -7.20 -18.89
CA MET A 64 -10.05 -5.75 -18.97
C MET A 64 -9.72 -5.04 -17.65
N GLU A 65 -10.04 -5.67 -16.52
CA GLU A 65 -9.66 -5.14 -15.19
C GLU A 65 -8.15 -5.18 -14.97
N LEU A 66 -7.55 -6.33 -15.29
CA LEU A 66 -6.10 -6.52 -15.23
C LEU A 66 -5.34 -5.54 -16.14
N LEU A 67 -5.96 -5.17 -17.26
CA LEU A 67 -5.40 -4.18 -18.18
C LEU A 67 -5.53 -2.77 -17.62
N GLU A 68 -6.72 -2.44 -17.10
CA GLU A 68 -6.95 -1.15 -16.43
C GLU A 68 -6.02 -0.97 -15.22
N GLU A 69 -5.76 -2.05 -14.49
CA GLU A 69 -4.80 -2.02 -13.38
C GLU A 69 -3.39 -1.72 -13.89
N ALA A 70 -3.02 -2.36 -15.00
CA ALA A 70 -1.72 -2.15 -15.63
C ALA A 70 -1.55 -0.71 -16.09
N LYS A 71 -2.56 -0.19 -16.79
CA LYS A 71 -2.53 1.17 -17.33
C LYS A 71 -2.46 2.25 -16.25
N LYS A 72 -3.11 2.02 -15.11
CA LYS A 72 -3.03 2.95 -13.97
C LYS A 72 -1.65 2.96 -13.31
N MET A 73 -0.99 1.81 -13.28
CA MET A 73 0.41 1.73 -12.81
C MET A 73 1.36 2.50 -13.72
N GLU A 74 1.17 2.38 -15.03
CA GLU A 74 2.01 3.08 -16.01
C GLU A 74 1.76 4.59 -15.94
N MET A 75 0.50 4.99 -15.79
CA MET A 75 0.15 6.41 -15.60
C MET A 75 0.86 7.07 -14.40
N ALA A 76 1.08 6.32 -13.33
CA ALA A 76 1.73 6.82 -12.12
C ALA A 76 3.19 6.38 -11.96
N LYS A 77 3.91 6.28 -13.08
CA LYS A 77 5.34 5.92 -13.08
C LYS A 77 6.11 6.93 -12.23
N PHE A 78 6.80 6.43 -11.20
CA PHE A 78 7.45 7.28 -10.19
C PHE A 78 8.38 6.41 -9.36
N ARG A 79 9.40 7.05 -8.77
CA ARG A 79 10.39 6.40 -7.90
C ARG A 79 9.78 5.52 -6.79
N TYR A 80 8.69 6.00 -6.19
CA TYR A 80 8.04 5.33 -5.04
C TYR A 80 6.75 4.59 -5.40
N ILE A 81 6.59 4.25 -6.69
CA ILE A 81 5.45 3.48 -7.20
C ILE A 81 6.00 2.30 -8.01
N LEU A 82 5.47 1.11 -7.75
CA LEU A 82 5.97 -0.12 -8.38
C LEU A 82 5.88 -0.02 -9.89
N PRO A 83 7.00 -0.23 -10.61
CA PRO A 83 6.91 -0.26 -12.08
C PRO A 83 6.15 -1.48 -12.61
N VAL A 84 5.52 -1.30 -13.77
CA VAL A 84 4.78 -2.35 -14.48
C VAL A 84 5.39 -2.53 -15.86
N TYR A 85 5.49 -3.78 -16.31
CA TYR A 85 6.06 -4.09 -17.62
C TYR A 85 5.01 -4.52 -18.66
N GLY A 86 4.03 -5.30 -18.23
CA GLY A 86 2.94 -5.72 -19.14
C GLY A 86 2.05 -6.83 -18.60
N ILE A 87 1.37 -7.52 -19.52
CA ILE A 87 0.45 -8.60 -19.19
C ILE A 87 0.92 -9.90 -19.84
N CYS A 88 0.83 -10.99 -19.09
CA CYS A 88 0.96 -12.34 -19.65
C CYS A 88 -0.43 -12.86 -20.02
N GLN A 89 -0.53 -13.61 -21.11
CA GLN A 89 -1.78 -14.26 -21.52
C GLN A 89 -1.81 -15.78 -21.30
N GLU A 90 -0.65 -16.44 -21.32
CA GLU A 90 -0.52 -17.90 -21.20
C GLU A 90 -1.19 -18.38 -19.90
N PRO A 91 -0.54 -18.16 -18.74
CA PRO A 91 -1.36 -17.83 -17.56
C PRO A 91 -1.69 -16.35 -17.61
N VAL A 92 -2.95 -16.01 -17.36
CA VAL A 92 -3.37 -14.60 -17.43
C VAL A 92 -2.85 -13.93 -16.15
N GLY A 93 -1.89 -13.02 -16.34
CA GLY A 93 -1.27 -12.31 -15.22
C GLY A 93 -0.70 -10.95 -15.56
N LEU A 94 -0.40 -10.20 -14.50
CA LEU A 94 0.17 -8.86 -14.58
C LEU A 94 1.66 -8.93 -14.25
N VAL A 95 2.51 -8.44 -15.16
CA VAL A 95 3.99 -8.56 -15.06
C VAL A 95 4.62 -7.26 -14.55
N MET A 96 5.26 -7.34 -13.38
CA MET A 96 5.77 -6.15 -12.66
C MET A 96 7.20 -6.33 -12.15
N GLU A 97 7.78 -5.23 -11.65
CA GLU A 97 9.09 -5.26 -11.04
C GLU A 97 9.10 -6.17 -9.81
N TYR A 98 10.19 -6.89 -9.59
CA TYR A 98 10.37 -7.70 -8.39
C TYR A 98 11.17 -6.92 -7.37
N MET A 99 10.69 -6.99 -6.13
CA MET A 99 11.24 -6.26 -5.01
C MET A 99 11.72 -7.33 -4.05
N GLU A 100 13.03 -7.34 -3.76
CA GLU A 100 13.66 -8.45 -3.04
C GLU A 100 13.19 -8.65 -1.59
N THR A 101 12.90 -7.55 -0.89
CA THR A 101 12.56 -7.66 0.53
C THR A 101 11.09 -8.00 0.78
N GLY A 102 10.19 -7.48 -0.06
CA GLY A 102 8.77 -7.85 0.00
C GLY A 102 7.94 -6.85 0.79
N SER A 103 6.87 -7.32 1.41
CA SER A 103 5.89 -6.43 2.02
C SER A 103 6.39 -5.85 3.34
N LEU A 104 5.81 -4.69 3.68
CA LEU A 104 5.99 -4.08 4.99
C LEU A 104 5.35 -4.93 6.08
N GLU A 105 4.24 -5.60 5.76
CA GLU A 105 3.58 -6.50 6.71
C GLU A 105 4.53 -7.56 7.24
N LYS A 106 5.22 -8.24 6.30
CA LYS A 106 6.20 -9.27 6.66
C LYS A 106 7.36 -8.65 7.44
N LEU A 107 7.86 -7.49 6.99
CA LEU A 107 8.96 -6.80 7.67
C LEU A 107 8.60 -6.41 9.11
N LEU A 108 7.39 -5.91 9.30
CA LEU A 108 6.93 -5.54 10.65
C LEU A 108 6.84 -6.73 11.59
N ALA A 109 6.53 -7.90 11.05
CA ALA A 109 6.44 -9.12 11.85
C ALA A 109 7.78 -9.83 12.09
N SER A 110 8.80 -9.52 11.29
CA SER A 110 10.06 -10.28 11.27
C SER A 110 10.99 -9.96 12.45
N GLU A 111 11.27 -8.69 12.68
CA GLU A 111 12.18 -8.26 13.76
C GLU A 111 11.99 -6.78 14.10
N PRO A 112 12.48 -6.33 15.29
CA PRO A 112 12.39 -4.91 15.62
C PRO A 112 13.22 -4.05 14.68
N LEU A 113 12.61 -2.99 14.14
CA LEU A 113 13.25 -2.13 13.15
C LEU A 113 13.82 -0.88 13.80
N PRO A 114 15.03 -0.45 13.38
CA PRO A 114 15.54 0.80 13.93
C PRO A 114 14.69 1.99 13.50
N TRP A 115 14.55 2.97 14.40
CA TRP A 115 13.65 4.11 14.20
C TRP A 115 13.91 4.97 12.97
N ASP A 116 15.17 5.15 12.59
CA ASP A 116 15.49 5.93 11.39
C ASP A 116 14.89 5.30 10.13
N LEU A 117 14.92 3.97 10.07
CA LEU A 117 14.30 3.23 8.98
C LEU A 117 12.76 3.35 9.02
N ARG A 118 12.18 3.22 10.21
CA ARG A 118 10.74 3.42 10.40
C ARG A 118 10.26 4.77 9.84
N PHE A 119 10.99 5.83 10.18
CA PHE A 119 10.64 7.17 9.71
C PHE A 119 10.81 7.30 8.19
N ARG A 120 11.88 6.72 7.65
CA ARG A 120 12.10 6.76 6.20
C ARG A 120 11.02 6.00 5.44
N ILE A 121 10.54 4.88 5.98
CA ILE A 121 9.46 4.11 5.32
C ILE A 121 8.18 4.92 5.25
N VAL A 122 7.84 5.57 6.37
CA VAL A 122 6.65 6.41 6.45
C VAL A 122 6.76 7.57 5.46
N HIS A 123 7.91 8.26 5.46
CA HIS A 123 8.12 9.39 4.57
C HIS A 123 7.97 8.99 3.10
N GLU A 124 8.69 7.92 2.73
CA GLU A 124 8.69 7.43 1.35
C GLU A 124 7.30 6.99 0.90
N THR A 125 6.57 6.33 1.80
CA THR A 125 5.18 5.97 1.54
C THR A 125 4.34 7.23 1.32
N ALA A 126 4.51 8.22 2.21
CA ALA A 126 3.82 9.51 2.07
C ALA A 126 4.13 10.23 0.75
N VAL A 127 5.39 10.20 0.33
CA VAL A 127 5.82 10.84 -0.94
C VAL A 127 5.18 10.19 -2.17
N GLY A 128 5.08 8.85 -2.15
CA GLY A 128 4.39 8.09 -3.20
C GLY A 128 2.91 8.38 -3.25
N MET A 129 2.25 8.41 -2.10
CA MET A 129 0.84 8.80 -2.01
C MET A 129 0.59 10.24 -2.48
N ASN A 130 1.50 11.15 -2.14
CA ASN A 130 1.41 12.54 -2.55
C ASN A 130 1.50 12.64 -4.07
N PHE A 131 2.36 11.82 -4.67
CA PHE A 131 2.49 11.79 -6.13
C PHE A 131 1.16 11.44 -6.79
N LEU A 132 0.53 10.37 -6.34
CA LEU A 132 -0.76 9.93 -6.87
C LEU A 132 -1.80 11.03 -6.80
N HIS A 133 -1.90 11.70 -5.65
CA HIS A 133 -2.85 12.80 -5.43
C HIS A 133 -2.54 14.08 -6.23
N CYS A 134 -1.28 14.25 -6.66
CA CYS A 134 -0.88 15.38 -7.51
C CYS A 134 -1.20 15.20 -8.99
N MET A 135 -1.51 13.98 -9.40
CA MET A 135 -1.87 13.71 -10.80
C MET A 135 -3.09 14.54 -11.21
N SER A 136 -3.24 14.77 -12.51
CA SER A 136 -4.39 15.48 -13.08
C SER A 136 -5.18 14.46 -13.93
N PRO A 137 -6.33 13.96 -13.44
CA PRO A 137 -6.90 14.20 -12.11
C PRO A 137 -6.24 13.31 -11.04
N PRO A 138 -6.51 13.60 -9.74
CA PRO A 138 -5.93 12.80 -8.64
C PRO A 138 -6.26 11.31 -8.76
N LEU A 139 -5.29 10.46 -8.44
CA LEU A 139 -5.47 9.02 -8.43
C LEU A 139 -5.58 8.56 -6.97
N LEU A 140 -6.76 8.07 -6.59
CA LEU A 140 -6.99 7.60 -5.23
C LEU A 140 -6.56 6.13 -5.19
N HIS A 141 -5.76 5.77 -4.19
CA HIS A 141 -5.28 4.40 -4.05
C HIS A 141 -6.40 3.50 -3.54
N LEU A 142 -7.01 3.91 -2.44
CA LEU A 142 -8.19 3.27 -1.82
C LEU A 142 -8.00 1.86 -1.20
N ASN A 143 -6.78 1.34 -1.23
CA ASN A 143 -6.45 0.02 -0.68
C ASN A 143 -5.09 -0.01 0.05
N LEU A 144 -4.59 1.14 0.52
CA LEU A 144 -3.24 1.20 1.10
C LEU A 144 -3.19 0.50 2.47
N LYS A 145 -2.33 -0.50 2.56
CA LYS A 145 -2.07 -1.25 3.78
C LYS A 145 -0.66 -1.83 3.72
N PRO A 146 -0.09 -2.26 4.86
CA PRO A 146 1.29 -2.77 4.85
C PRO A 146 1.54 -3.94 3.88
N ALA A 147 0.52 -4.76 3.61
CA ALA A 147 0.64 -5.83 2.61
C ALA A 147 0.93 -5.35 1.18
N ASN A 148 0.50 -4.13 0.86
CA ASN A 148 0.72 -3.48 -0.44
C ASN A 148 2.02 -2.72 -0.57
N ILE A 149 2.59 -2.31 0.56
CA ILE A 149 3.77 -1.44 0.55
C ILE A 149 4.99 -2.34 0.44
N LEU A 150 5.65 -2.27 -0.72
CA LEU A 150 6.79 -3.13 -1.05
C LEU A 150 8.10 -2.44 -0.73
N LEU A 151 9.13 -3.23 -0.47
CA LEU A 151 10.45 -2.73 -0.08
C LEU A 151 11.51 -3.42 -0.92
N ASP A 152 12.47 -2.64 -1.42
CA ASP A 152 13.51 -3.20 -2.30
C ASP A 152 14.64 -3.77 -1.45
N ALA A 153 15.68 -4.28 -2.11
CA ALA A 153 16.85 -4.85 -1.41
C ALA A 153 17.49 -3.93 -0.37
N HIS A 154 17.35 -2.60 -0.54
CA HIS A 154 17.88 -1.63 0.42
C HIS A 154 16.79 -0.93 1.24
N TYR A 155 15.62 -1.57 1.34
CA TYR A 155 14.49 -1.15 2.19
C TYR A 155 13.86 0.21 1.81
N HIS A 156 13.83 0.51 0.52
CA HIS A 156 13.13 1.68 -0.01
C HIS A 156 11.75 1.29 -0.54
N VAL A 157 10.78 2.17 -0.29
CA VAL A 157 9.37 1.87 -0.55
C VAL A 157 9.03 2.01 -2.03
N LYS A 158 8.20 1.08 -2.51
CA LYS A 158 7.43 1.29 -3.73
C LYS A 158 6.01 0.80 -3.46
N ILE A 159 5.02 1.67 -3.67
CA ILE A 159 3.61 1.35 -3.42
C ILE A 159 3.10 0.49 -4.56
N SER A 160 2.24 -0.48 -4.23
CA SER A 160 1.62 -1.36 -5.22
C SER A 160 0.15 -1.58 -4.90
N ASP A 161 -0.47 -2.48 -5.66
CA ASP A 161 -1.89 -2.81 -5.60
C ASP A 161 -2.75 -1.65 -6.07
N PHE A 162 -2.86 -1.52 -7.39
CA PHE A 162 -3.76 -0.57 -8.06
C PHE A 162 -5.06 -1.21 -8.60
N GLY A 163 -5.38 -2.41 -8.14
CA GLY A 163 -6.60 -3.13 -8.55
C GLY A 163 -7.93 -2.51 -8.11
N LEU A 164 -7.91 -1.78 -6.99
CA LEU A 164 -9.10 -1.06 -6.48
C LEU A 164 -8.98 0.47 -6.61
N ALA A 165 -7.98 0.94 -7.35
CA ALA A 165 -7.72 2.37 -7.51
C ALA A 165 -8.71 3.00 -8.48
N LYS A 166 -8.88 4.32 -8.39
CA LYS A 166 -9.86 5.06 -9.20
C LYS A 166 -9.34 6.45 -9.53
N PHE A 182 -12.79 -9.20 4.95
CA PHE A 182 -11.37 -9.47 5.13
C PHE A 182 -10.80 -8.69 6.33
N GLY A 183 -9.47 -8.72 6.49
CA GLY A 183 -8.77 -7.89 7.47
C GLY A 183 -8.62 -6.39 7.13
N THR A 184 -9.15 -5.96 5.97
CA THR A 184 -9.13 -4.56 5.55
C THR A 184 -10.13 -3.61 6.29
N ILE A 185 -10.93 -4.12 7.22
CA ILE A 185 -11.85 -3.25 7.99
C ILE A 185 -11.10 -2.16 8.76
N ALA A 186 -9.92 -2.50 9.28
CA ALA A 186 -9.08 -1.56 10.06
C ALA A 186 -8.61 -0.33 9.29
N TYR A 187 -8.43 -0.49 7.97
CA TYR A 187 -7.96 0.59 7.09
C TYR A 187 -9.09 1.42 6.49
N LEU A 188 -10.33 1.08 6.85
CA LEU A 188 -11.52 1.68 6.27
C LEU A 188 -11.90 2.94 7.06
N PRO A 189 -12.08 4.07 6.37
CA PRO A 189 -12.47 5.29 7.09
C PRO A 189 -13.87 5.20 7.69
N PRO A 190 -14.11 5.84 8.85
CA PRO A 190 -15.40 5.76 9.52
C PRO A 190 -16.58 6.32 8.72
N GLU A 191 -16.30 7.30 7.85
CA GLU A 191 -17.34 7.86 6.97
C GLU A 191 -17.85 6.85 5.95
N ARG A 192 -17.03 5.84 5.65
CA ARG A 192 -17.43 4.73 4.76
C ARG A 192 -18.34 3.72 5.43
N ILE A 193 -18.28 3.67 6.76
CA ILE A 193 -19.18 2.86 7.60
C ILE A 193 -20.47 3.65 7.91
N ARG A 194 -20.36 4.97 8.09
CA ARG A 194 -21.51 5.86 8.36
C ARG A 194 -22.45 6.00 7.18
N GLU A 195 -21.88 6.18 6.00
CA GLU A 195 -22.64 6.52 4.80
C GLU A 195 -22.61 5.33 3.86
N LYS A 196 -23.80 4.84 3.49
CA LYS A 196 -23.93 3.83 2.44
C LYS A 196 -23.52 4.49 1.11
N SER A 197 -22.47 3.96 0.48
CA SER A 197 -22.03 4.41 -0.84
C SER A 197 -21.75 5.93 -0.95
N ARG A 198 -20.87 6.43 -0.08
CA ARG A 198 -20.30 7.79 -0.18
C ARG A 198 -19.29 7.79 -1.33
N LEU A 199 -19.07 8.94 -1.97
CA LEU A 199 -18.08 9.02 -3.04
C LEU A 199 -16.63 9.11 -2.49
N PHE A 200 -15.74 8.33 -3.09
CA PHE A 200 -14.33 8.23 -2.66
C PHE A 200 -13.59 9.56 -2.83
N ASP A 201 -12.62 9.80 -1.95
CA ASP A 201 -11.81 11.03 -1.99
C ASP A 201 -10.39 10.81 -1.43
N THR A 202 -9.55 11.85 -1.56
CA THR A 202 -8.18 11.80 -1.03
C THR A 202 -8.12 11.51 0.49
N LYS A 203 -9.14 11.95 1.23
CA LYS A 203 -9.17 11.74 2.68
C LYS A 203 -9.36 10.27 3.10
N HIS A 204 -9.82 9.43 2.18
CA HIS A 204 -9.87 7.98 2.39
C HIS A 204 -8.44 7.43 2.57
N ASP A 205 -7.58 7.72 1.60
CA ASP A 205 -6.16 7.32 1.65
C ASP A 205 -5.41 7.85 2.89
N VAL A 206 -5.72 9.10 3.27
CA VAL A 206 -5.10 9.75 4.43
C VAL A 206 -5.41 8.96 5.72
N TYR A 207 -6.65 8.47 5.85
CA TYR A 207 -7.04 7.65 7.01
C TYR A 207 -6.27 6.34 7.03
N SER A 208 -6.18 5.69 5.88
CA SER A 208 -5.50 4.40 5.78
C SER A 208 -4.04 4.55 6.13
N PHE A 209 -3.44 5.63 5.64
CA PHE A 209 -2.06 5.99 5.93
C PHE A 209 -1.81 6.15 7.43
N ALA A 210 -2.78 6.71 8.15
CA ALA A 210 -2.71 6.80 9.61
C ALA A 210 -2.56 5.43 10.25
N ILE A 211 -3.35 4.47 9.76
CA ILE A 211 -3.31 3.11 10.29
C ILE A 211 -2.00 2.42 9.89
N VAL A 212 -1.45 2.76 8.71
CA VAL A 212 -0.10 2.32 8.35
C VAL A 212 0.94 2.84 9.33
N ILE A 213 0.85 4.12 9.71
CA ILE A 213 1.75 4.72 10.70
C ILE A 213 1.70 3.94 12.02
N TRP A 214 0.48 3.63 12.49
CA TRP A 214 0.28 2.88 13.72
C TRP A 214 1.04 1.54 13.68
N GLY A 215 0.95 0.85 12.55
CA GLY A 215 1.69 -0.39 12.32
C GLY A 215 3.20 -0.24 12.36
N VAL A 216 3.71 0.85 11.79
CA VAL A 216 5.14 1.16 11.83
C VAL A 216 5.57 1.48 13.27
N LEU A 217 4.72 2.22 14.00
CA LEU A 217 5.04 2.57 15.40
C LEU A 217 5.06 1.36 16.32
N THR A 218 4.12 0.42 16.14
CA THR A 218 3.94 -0.71 17.06
C THR A 218 4.48 -2.04 16.54
N GLN A 219 4.71 -2.16 15.24
CA GLN A 219 5.01 -3.46 14.59
C GLN A 219 3.94 -4.53 14.86
N LYS A 220 2.72 -4.08 15.15
CA LYS A 220 1.57 -4.95 15.42
C LYS A 220 0.55 -4.68 14.32
N LYS A 221 -0.34 -5.64 14.13
CA LYS A 221 -1.50 -5.46 13.24
C LYS A 221 -2.62 -4.81 14.06
N PRO A 222 -3.36 -3.86 13.44
CA PRO A 222 -4.43 -3.16 14.18
C PRO A 222 -5.64 -4.06 14.47
N PHE A 223 -6.17 -3.96 15.69
CA PHE A 223 -7.29 -4.80 16.15
C PHE A 223 -7.02 -6.30 16.05
N ALA A 224 -5.78 -6.70 16.34
CA ALA A 224 -5.37 -8.11 16.33
C ALA A 224 -6.01 -8.91 17.46
N ASP A 225 -6.10 -8.31 18.65
CA ASP A 225 -6.68 -8.96 19.83
C ASP A 225 -8.20 -9.16 19.71
N GLU A 226 -8.89 -8.10 19.27
CA GLU A 226 -10.36 -8.03 19.26
C GLU A 226 -11.04 -9.20 18.54
N LYS A 227 -12.07 -9.76 19.18
CA LYS A 227 -12.92 -10.80 18.58
C LYS A 227 -14.17 -10.20 17.89
N ASN A 228 -14.82 -9.23 18.55
CA ASN A 228 -16.01 -8.55 18.01
C ASN A 228 -15.61 -7.51 16.92
N ILE A 229 -15.66 -7.94 15.66
CA ILE A 229 -15.31 -7.07 14.52
C ILE A 229 -16.31 -5.93 14.35
N LEU A 230 -17.60 -6.25 14.44
CA LEU A 230 -18.69 -5.27 14.32
C LEU A 230 -18.67 -4.20 15.42
N HIS A 231 -18.48 -4.61 16.68
CA HIS A 231 -18.49 -3.68 17.81
C HIS A 231 -17.40 -2.62 17.63
N ILE A 232 -16.23 -3.05 17.17
CA ILE A 232 -15.12 -2.14 16.89
C ILE A 232 -15.45 -1.18 15.77
N MET A 233 -16.04 -1.69 14.69
CA MET A 233 -16.53 -0.85 13.59
C MET A 233 -17.51 0.22 14.07
N MET A 234 -18.49 -0.17 14.88
CA MET A 234 -19.44 0.77 15.49
C MET A 234 -18.74 1.81 16.37
N LYS A 235 -17.83 1.35 17.23
CA LYS A 235 -17.04 2.26 18.07
C LYS A 235 -16.20 3.23 17.23
N VAL A 236 -15.62 2.76 16.12
CA VAL A 236 -14.85 3.58 15.16
C VAL A 236 -15.67 4.77 14.59
N VAL A 237 -16.94 4.53 14.30
CA VAL A 237 -17.88 5.59 13.86
C VAL A 237 -18.01 6.72 14.91
N LYS A 238 -17.96 6.35 16.20
CA LYS A 238 -17.95 7.30 17.33
C LYS A 238 -16.57 7.88 17.73
N GLY A 239 -15.50 7.53 17.01
CA GLY A 239 -14.14 8.02 17.29
C GLY A 239 -13.20 7.10 18.06
N HIS A 240 -13.41 5.79 17.95
CA HIS A 240 -12.50 4.77 18.52
C HIS A 240 -11.43 4.39 17.51
N ARG A 241 -10.19 4.28 17.97
CA ARG A 241 -9.02 3.99 17.13
C ARG A 241 -8.10 2.98 17.83
N PRO A 242 -7.09 2.44 17.11
CA PRO A 242 -6.06 1.62 17.76
C PRO A 242 -5.38 2.36 18.92
N GLU A 243 -5.01 1.62 19.97
CA GLU A 243 -4.47 2.22 21.20
C GLU A 243 -3.18 2.98 20.92
N LEU A 244 -3.08 4.20 21.42
CA LEU A 244 -1.86 5.00 21.22
C LEU A 244 -0.68 4.29 21.83
N PRO A 245 0.42 4.16 21.07
CA PRO A 245 1.62 3.57 21.64
C PRO A 245 2.33 4.55 22.56
N PRO A 246 3.22 4.04 23.44
CA PRO A 246 3.99 4.95 24.28
C PRO A 246 5.07 5.65 23.48
N ILE A 247 5.67 6.67 24.06
CA ILE A 247 6.75 7.40 23.43
C ILE A 247 7.99 6.51 23.56
N CYS A 248 8.66 6.26 22.43
CA CYS A 248 9.82 5.37 22.40
C CYS A 248 11.04 6.03 23.03
N ARG A 249 11.98 5.22 23.51
CA ARG A 249 13.20 5.72 24.16
C ARG A 249 14.23 6.31 23.18
N PRO A 250 14.52 5.61 22.07
CA PRO A 250 15.62 6.12 21.21
C PRO A 250 15.34 7.43 20.46
N ARG A 251 14.09 7.70 20.09
CA ARG A 251 13.74 8.92 19.35
C ARG A 251 12.41 9.50 19.86
N PRO A 252 12.39 9.95 21.13
CA PRO A 252 11.13 10.37 21.75
C PRO A 252 10.49 11.63 21.15
N ARG A 253 11.27 12.56 20.60
CA ARG A 253 10.72 13.78 19.99
C ARG A 253 10.03 13.46 18.65
N ALA A 254 10.78 12.84 17.75
CA ALA A 254 10.24 12.40 16.46
C ALA A 254 9.05 11.42 16.61
N CYS A 255 9.16 10.47 17.55
CA CYS A 255 8.06 9.54 17.83
C CYS A 255 6.79 10.29 18.24
N ALA A 256 6.92 11.22 19.18
CA ALA A 256 5.80 12.07 19.62
C ALA A 256 5.19 12.82 18.44
N SER A 257 6.05 13.40 17.60
CA SER A 257 5.59 14.13 16.42
C SER A 257 4.79 13.23 15.47
N LEU A 258 5.27 12.00 15.25
CA LEU A 258 4.61 11.06 14.37
C LEU A 258 3.27 10.58 14.92
N ILE A 259 3.22 10.32 16.22
CA ILE A 259 1.97 9.97 16.90
C ILE A 259 0.91 11.06 16.68
N GLY A 260 1.30 12.31 16.90
CA GLY A 260 0.42 13.47 16.66
C GLY A 260 -0.10 13.55 15.23
N LEU A 261 0.80 13.37 14.26
CA LEU A 261 0.43 13.38 12.84
C LEU A 261 -0.53 12.24 12.50
N MET A 262 -0.24 11.06 13.01
CA MET A 262 -1.11 9.89 12.87
C MET A 262 -2.54 10.22 13.32
N GLN A 263 -2.65 10.84 14.50
CA GLN A 263 -3.95 11.18 15.10
C GLN A 263 -4.78 12.16 14.27
N ARG A 264 -4.10 13.15 13.68
CA ARG A 264 -4.75 14.08 12.78
C ARG A 264 -5.22 13.38 11.52
N CYS A 265 -4.39 12.47 11.01
CA CYS A 265 -4.72 11.71 9.81
C CYS A 265 -5.87 10.73 10.00
N TRP A 266 -6.11 10.26 11.23
CA TRP A 266 -7.30 9.41 11.51
C TRP A 266 -8.47 10.14 12.19
N HIS A 267 -8.53 11.47 12.04
CA HIS A 267 -9.60 12.27 12.62
C HIS A 267 -10.94 11.84 12.03
N ALA A 268 -11.99 11.86 12.84
CA ALA A 268 -13.32 11.40 12.43
C ALA A 268 -13.93 12.27 11.31
N ASP A 269 -13.73 13.58 11.41
CA ASP A 269 -14.07 14.53 10.34
C ASP A 269 -13.03 14.48 9.20
N PRO A 270 -13.45 14.03 8.00
CA PRO A 270 -12.48 13.93 6.90
C PRO A 270 -11.81 15.25 6.51
N GLN A 271 -12.53 16.37 6.61
CA GLN A 271 -12.02 17.66 6.16
C GLN A 271 -10.95 18.25 7.10
N VAL A 272 -10.91 17.79 8.35
CA VAL A 272 -9.86 18.20 9.31
C VAL A 272 -8.53 17.46 9.05
N ARG A 273 -8.58 16.28 8.42
CA ARG A 273 -7.38 15.50 8.13
C ARG A 273 -6.45 16.26 7.19
N PRO A 274 -5.12 16.13 7.40
CA PRO A 274 -4.21 16.86 6.53
C PRO A 274 -4.17 16.32 5.11
N THR A 275 -3.65 17.13 4.20
CA THR A 275 -3.37 16.68 2.84
C THR A 275 -2.02 15.98 2.87
N PHE A 276 -1.76 15.18 1.84
CA PHE A 276 -0.43 14.59 1.67
C PHE A 276 0.67 15.62 1.37
N GLN A 277 0.28 16.80 0.87
CA GLN A 277 1.21 17.93 0.76
C GLN A 277 1.70 18.33 2.16
N GLU A 278 0.75 18.51 3.07
CA GLU A 278 1.06 18.83 4.48
C GLU A 278 1.77 17.66 5.18
N ILE A 279 1.31 16.44 4.94
CA ILE A 279 1.95 15.24 5.53
C ILE A 279 3.42 15.10 5.15
N THR A 280 3.73 15.26 3.87
CA THR A 280 5.11 15.06 3.39
C THR A 280 6.11 16.08 3.95
N SER A 281 5.67 17.34 4.12
CA SER A 281 6.47 18.36 4.81
C SER A 281 6.93 17.93 6.19
N GLU A 282 6.02 17.31 6.93
CA GLU A 282 6.26 16.90 8.29
C GLU A 282 7.05 15.61 8.41
N THR A 283 6.75 14.62 7.58
CA THR A 283 7.48 13.34 7.59
C THR A 283 8.93 13.52 7.12
N GLU A 284 9.16 14.50 6.25
CA GLU A 284 10.52 14.84 5.81
C GLU A 284 11.38 15.33 6.98
N ASP A 285 10.80 16.16 7.84
CA ASP A 285 11.50 16.66 9.03
C ASP A 285 11.86 15.54 10.02
N LEU A 286 11.06 14.48 10.06
CA LEU A 286 11.38 13.32 10.91
C LEU A 286 12.63 12.57 10.46
N CYS A 287 12.93 12.62 9.16
CA CYS A 287 14.14 11.99 8.59
C CYS A 287 15.40 12.85 8.70
N GLU A 288 15.24 14.17 8.90
CA GLU A 288 16.38 15.09 9.09
C GLU A 288 17.22 14.72 10.32
N LYS A 289 18.54 14.61 10.12
CA LYS A 289 19.51 14.21 11.15
C LYS A 289 19.28 12.78 11.65
CL CL B . 14.14 12.30 18.69
N1 VX6 C . 11.09 -13.23 1.05
C2 VX6 C . 11.47 -12.71 -0.27
C3 VX6 C . 10.59 -11.54 -0.66
N4 VX6 C . 9.16 -11.89 -0.62
C5 VX6 C . 8.78 -12.52 0.65
C6 VX6 C . 9.69 -13.67 1.00
C7 VX6 C . 11.98 -14.31 1.47
C8 VX6 C . 8.23 -11.13 -1.33
C9 VX6 C . 8.55 -10.45 -2.52
C10 VX6 C . 7.53 -9.74 -3.16
N11 VX6 C . 6.29 -9.70 -2.66
C12 VX6 C . 6.06 -10.37 -1.53
N13 VX6 C . 6.97 -11.07 -0.85
N14 VX6 C . 7.80 -9.04 -4.34
C15 VX6 C . 6.93 -8.41 -5.24
C17 VX6 C . 5.55 -8.52 -5.36
C18 VX6 C . 5.19 -7.68 -6.43
N19 VX6 C . 6.27 -7.11 -6.94
N20 VX6 C . 7.33 -7.56 -6.21
C21 VX6 C . 3.83 -7.40 -6.99
S23 VX6 C . 4.41 -10.33 -0.88
C24 VX6 C . 3.45 -9.35 -2.00
C25 VX6 C . 2.75 -9.91 -3.05
C26 VX6 C . 2.02 -9.11 -3.93
C27 VX6 C . 1.99 -7.72 -3.76
C28 VX6 C . 2.69 -7.17 -2.70
C29 VX6 C . 3.41 -7.97 -1.83
N30 VX6 C . 1.26 -6.86 -4.62
C31 VX6 C . 0.39 -7.21 -5.60
O32 VX6 C . -0.36 -8.17 -5.53
C33 VX6 C . 0.41 -6.32 -6.77
C34 VX6 C . -0.88 -5.64 -7.15
C35 VX6 C . -0.37 -6.75 -7.97
#